data_2Z63
#
_entry.id   2Z63
#
_cell.length_a   88.136
_cell.length_b   88.136
_cell.length_c   92.205
_cell.angle_alpha   90.00
_cell.angle_beta   90.00
_cell.angle_gamma   120.00
#
_symmetry.space_group_name_H-M   'P 31'
#
loop_
_entity.id
_entity.type
_entity.pdbx_description
1 polymer 'Toll-like receptor 4, Variable lymphocyte receptor B'
2 branched 2-acetamido-2-deoxy-beta-D-glucopyranose-(1-4)-[beta-L-fucopyranose-(1-6)]2-acetamido-2-deoxy-beta-D-glucopyranose
3 branched 2-acetamido-2-deoxy-beta-D-glucopyranose-(1-4)-2-acetamido-2-deoxy-beta-D-glucopyranose
4 water water
#
_entity_poly.entity_id   1
_entity_poly.type   'polypeptide(L)'
_entity_poly.pdbx_seq_one_letter_code
;EPCVEVVPNITYQCMELNFYKIPDNLPFSTKNLDLSFNPLRHLGSYSFFSFPELQVLDLSRCEIQTIEDGAYQSLSHLST
LILTGNPIQSLALGAFSGLSSLQKLVAVETNLASLENFPIGHLKTLKELNVAHNLIQSFKLPEYFSNLTNLEHLDLSSNK
IQSIYCTDLRVLHQMPLLNLSLDLSLNPMNFIQPGAFKEIRLHKLTLRNNFDSLNVMKTCIQGLAGLEVHRLVLGEFRNE
GNLEKFDKSALEGLCNLTIEEFRLAYLDYYLDDIIDLFNCLTNVSSFSLVSVTIERVKDFSYNFGWQHLELVNCKFGQFP
TLKLKSLKRLTFTSNKGGNAFSEVDLPSLEFLDLSRNGLSFKGCCSQSDFGTTSLKYLDLSFNGVITMSSNFLGLEQLEH
LDFQHSNLKQMSEFSVFLSLRNLIYLDISHTHTRVAFNGIFNGLSSLEVLKMAGNSFQENFLPDIFTELRNLTFLDLSQC
QLEQLSPTAFNSLSSLQVLNMASNQLKSVPDGIFDRLTSLQKIWLHTNPWDCSCPRIDYLSRWLNKNSQKEQGSAKCSGS
GKPVRSIICP
;
_entity_poly.pdbx_strand_id   A
#
# COMPACT_ATOMS: atom_id res chain seq x y z
N GLU A 1 19.88 22.58 -22.42
CA GLU A 1 20.43 21.24 -22.08
C GLU A 1 19.51 20.10 -22.56
N PRO A 2 19.97 19.30 -23.53
CA PRO A 2 19.15 18.17 -23.96
C PRO A 2 18.59 17.40 -22.76
N CYS A 3 19.46 17.00 -21.84
CA CYS A 3 19.01 16.24 -20.66
C CYS A 3 18.01 17.06 -19.84
N VAL A 4 16.87 16.45 -19.55
CA VAL A 4 15.89 17.06 -18.67
C VAL A 4 16.52 17.19 -17.29
N GLU A 5 16.33 18.35 -16.67
CA GLU A 5 16.87 18.60 -15.34
C GLU A 5 15.76 18.52 -14.28
N VAL A 6 15.89 17.54 -13.39
CA VAL A 6 14.89 17.20 -12.40
C VAL A 6 15.22 17.83 -11.05
N VAL A 7 16.44 17.60 -10.58
CA VAL A 7 17.00 18.22 -9.36
C VAL A 7 18.42 18.67 -9.74
N PRO A 8 18.73 19.99 -9.64
CA PRO A 8 20.08 20.50 -9.99
C PRO A 8 21.23 19.77 -9.30
N ASN A 9 22.36 19.66 -10.00
CA ASN A 9 23.54 18.93 -9.50
C ASN A 9 23.26 17.56 -8.85
N ILE A 10 22.07 16.98 -9.07
CA ILE A 10 21.69 15.71 -8.40
C ILE A 10 21.09 14.63 -9.32
N THR A 11 20.02 14.98 -10.06
CA THR A 11 19.28 14.06 -10.91
C THR A 11 19.18 14.60 -12.32
N TYR A 12 19.20 13.68 -13.30
CA TYR A 12 18.96 14.01 -14.71
C TYR A 12 18.29 12.85 -15.47
N GLN A 13 17.23 13.19 -16.21
CA GLN A 13 16.47 12.19 -16.98
C GLN A 13 16.81 12.44 -18.44
N CYS A 14 17.91 11.84 -18.90
CA CYS A 14 18.34 11.90 -20.30
C CYS A 14 17.61 10.85 -21.16
N MET A 15 16.32 10.68 -20.87
CA MET A 15 15.50 9.65 -21.50
C MET A 15 15.35 9.92 -22.99
N GLU A 16 15.35 8.85 -23.77
CA GLU A 16 15.21 8.88 -25.23
C GLU A 16 15.71 10.18 -25.87
N LEU A 17 17.03 10.31 -26.01
CA LEU A 17 17.61 11.50 -26.63
C LEU A 17 18.58 11.14 -27.75
N ASN A 18 18.50 9.89 -28.20
CA ASN A 18 19.37 9.31 -29.23
C ASN A 18 20.88 9.39 -28.96
N PHE A 19 21.23 9.43 -27.67
CA PHE A 19 22.62 9.41 -27.22
C PHE A 19 23.35 8.14 -27.66
N TYR A 20 24.34 8.30 -28.54
CA TYR A 20 25.21 7.19 -28.94
C TYR A 20 26.39 7.06 -27.99
N LYS A 21 26.58 8.08 -27.14
CA LYS A 21 27.66 8.13 -26.15
C LYS A 21 27.11 8.66 -24.82
N ILE A 22 27.73 8.29 -23.70
CA ILE A 22 27.36 8.84 -22.38
C ILE A 22 27.62 10.36 -22.36
N PRO A 23 26.61 11.17 -21.96
CA PRO A 23 26.73 12.62 -21.97
C PRO A 23 27.82 13.13 -21.04
N ASP A 24 28.80 13.82 -21.64
CA ASP A 24 29.97 14.38 -20.94
C ASP A 24 29.71 15.80 -20.44
N ASN A 25 28.65 16.41 -20.96
CA ASN A 25 28.33 17.79 -20.62
C ASN A 25 27.73 17.92 -19.22
N LEU A 26 27.27 16.80 -18.64
CA LEU A 26 26.59 16.81 -17.33
C LEU A 26 27.53 17.06 -16.15
N PRO A 27 26.99 17.50 -15.01
CA PRO A 27 27.86 17.67 -13.84
C PRO A 27 28.51 16.38 -13.33
N PHE A 28 29.42 16.55 -12.37
CA PHE A 28 30.16 15.44 -11.79
C PHE A 28 29.54 14.98 -10.46
N SER A 29 28.70 15.83 -9.88
CA SER A 29 28.05 15.59 -8.60
C SER A 29 26.74 14.77 -8.71
N THR A 30 26.31 14.54 -9.94
CA THR A 30 25.09 13.79 -10.25
C THR A 30 25.02 12.42 -9.57
N LYS A 31 23.97 12.22 -8.78
CA LYS A 31 23.74 10.96 -8.06
C LYS A 31 22.75 10.03 -8.76
N ASN A 32 21.91 10.56 -9.62
CA ASN A 32 20.93 9.74 -10.30
C ASN A 32 20.95 10.12 -11.77
N LEU A 33 21.21 9.13 -12.61
CA LEU A 33 21.30 9.34 -14.05
C LEU A 33 20.49 8.30 -14.82
N ASP A 34 19.49 8.76 -15.58
CA ASP A 34 18.65 7.86 -16.38
C ASP A 34 18.96 8.02 -17.85
N LEU A 35 19.56 6.98 -18.43
CA LEU A 35 19.98 6.97 -19.84
C LEU A 35 19.13 6.01 -20.64
N SER A 36 17.92 5.76 -20.17
CA SER A 36 17.06 4.76 -20.77
C SER A 36 16.59 5.14 -22.17
N PHE A 37 16.53 4.15 -23.06
CA PHE A 37 16.15 4.31 -24.48
C PHE A 37 17.10 5.21 -25.30
N ASN A 38 18.41 4.96 -25.22
CA ASN A 38 19.41 5.65 -26.03
C ASN A 38 20.32 4.60 -26.62
N PRO A 39 20.48 4.56 -27.96
CA PRO A 39 21.36 3.60 -28.65
C PRO A 39 22.85 3.60 -28.24
N LEU A 40 23.17 3.23 -27.00
CA LEU A 40 24.58 3.16 -26.56
C LEU A 40 25.36 1.97 -27.18
N ARG A 41 24.67 0.85 -27.40
CA ARG A 41 25.24 -0.33 -28.09
C ARG A 41 26.35 -1.07 -27.32
N HIS A 42 27.46 -0.39 -27.03
CA HIS A 42 28.63 -0.98 -26.42
C HIS A 42 29.00 -0.09 -25.25
N LEU A 43 29.28 -0.68 -24.08
CA LEU A 43 29.78 0.06 -22.93
C LEU A 43 31.24 -0.28 -22.81
N GLY A 44 32.09 0.71 -23.05
CA GLY A 44 33.55 0.53 -23.08
C GLY A 44 34.16 0.71 -21.70
N SER A 45 35.48 0.51 -21.60
CA SER A 45 36.20 0.64 -20.33
C SER A 45 35.97 2.04 -19.79
N TYR A 46 35.65 2.13 -18.51
CA TYR A 46 35.42 3.39 -17.81
C TYR A 46 34.35 4.25 -18.47
N SER A 47 33.29 3.63 -18.97
CA SER A 47 32.19 4.40 -19.59
C SER A 47 31.68 5.60 -18.76
N PHE A 48 31.95 5.57 -17.45
CA PHE A 48 31.30 6.47 -16.51
C PHE A 48 32.33 7.23 -15.65
N PHE A 49 33.47 7.55 -16.26
CA PHE A 49 34.54 8.25 -15.54
C PHE A 49 34.08 9.61 -15.05
N SER A 50 33.02 10.12 -15.68
CA SER A 50 32.56 11.49 -15.46
C SER A 50 31.44 11.54 -14.43
N PHE A 51 31.22 10.41 -13.75
CA PHE A 51 30.20 10.35 -12.71
C PHE A 51 30.73 9.66 -11.43
N PRO A 52 31.51 10.40 -10.61
CA PRO A 52 32.01 9.92 -9.31
C PRO A 52 30.96 9.63 -8.22
N GLU A 53 29.89 10.44 -8.14
CA GLU A 53 28.89 10.34 -7.06
C GLU A 53 27.68 9.46 -7.35
N LEU A 54 27.63 8.89 -8.55
CA LEU A 54 26.45 8.16 -9.00
C LEU A 54 26.01 7.12 -8.00
N GLN A 55 24.75 7.18 -7.60
CA GLN A 55 24.12 6.16 -6.77
C GLN A 55 23.07 5.33 -7.53
N VAL A 56 22.39 5.94 -8.49
CA VAL A 56 21.40 5.20 -9.30
C VAL A 56 21.64 5.32 -10.80
N LEU A 57 21.70 4.20 -11.49
CA LEU A 57 22.04 4.26 -12.91
C LEU A 57 21.09 3.43 -13.74
N ASP A 58 20.28 4.11 -14.54
CA ASP A 58 19.27 3.42 -15.34
C ASP A 58 19.66 3.37 -16.82
N LEU A 59 19.95 2.16 -17.29
CA LEU A 59 20.38 1.93 -18.66
C LEU A 59 19.36 1.05 -19.39
N SER A 60 18.11 1.17 -18.96
CA SER A 60 17.00 0.44 -19.53
C SER A 60 16.91 0.61 -21.04
N ARG A 61 16.96 -0.51 -21.76
CA ARG A 61 16.60 -0.60 -23.20
C ARG A 61 17.46 0.24 -24.13
N CYS A 62 18.77 0.21 -23.88
CA CYS A 62 19.77 1.03 -24.57
C CYS A 62 20.57 0.21 -25.59
N GLU A 63 19.88 -0.74 -26.22
CA GLU A 63 20.49 -1.73 -27.11
C GLU A 63 21.98 -2.05 -26.84
N ILE A 64 22.29 -2.31 -25.57
CA ILE A 64 23.63 -2.76 -25.17
C ILE A 64 23.85 -4.28 -25.41
N GLN A 65 24.77 -4.59 -26.32
CA GLN A 65 25.16 -5.94 -26.66
C GLN A 65 26.44 -6.37 -25.93
N THR A 66 27.40 -5.46 -25.79
CA THR A 66 28.63 -5.77 -25.02
C THR A 66 28.91 -4.82 -23.85
N ILE A 67 29.41 -5.40 -22.76
CA ILE A 67 29.84 -4.66 -21.58
C ILE A 67 31.24 -5.19 -21.27
N GLU A 68 32.24 -4.32 -21.46
CA GLU A 68 33.66 -4.65 -21.24
C GLU A 68 33.99 -4.63 -19.75
N ASP A 69 35.15 -5.18 -19.37
CA ASP A 69 35.60 -5.14 -17.98
C ASP A 69 35.87 -3.71 -17.57
N GLY A 70 35.41 -3.34 -16.38
CA GLY A 70 35.60 -2.01 -15.84
C GLY A 70 34.78 -0.92 -16.50
N ALA A 71 33.70 -1.29 -17.20
CA ALA A 71 32.78 -0.29 -17.78
C ALA A 71 32.21 0.64 -16.71
N TYR A 72 32.07 0.11 -15.49
CA TYR A 72 31.57 0.87 -14.33
C TYR A 72 32.67 1.05 -13.25
N GLN A 73 33.93 0.99 -13.67
CA GLN A 73 35.12 0.97 -12.78
C GLN A 73 35.17 2.03 -11.66
N SER A 74 34.73 3.25 -11.98
CA SER A 74 34.88 4.33 -11.03
C SER A 74 33.63 4.59 -10.19
N LEU A 75 32.62 3.73 -10.34
CA LEU A 75 31.31 3.94 -9.72
C LEU A 75 31.18 3.36 -8.29
N SER A 76 32.09 3.81 -7.42
CA SER A 76 32.22 3.31 -6.06
C SER A 76 31.04 3.64 -5.15
N HIS A 77 30.16 4.52 -5.59
CA HIS A 77 28.99 4.90 -4.79
C HIS A 77 27.68 4.53 -5.47
N LEU A 78 27.74 3.66 -6.46
CA LEU A 78 26.54 3.20 -7.16
C LEU A 78 25.85 2.12 -6.34
N SER A 79 24.53 2.24 -6.21
CA SER A 79 23.72 1.35 -5.36
C SER A 79 22.70 0.53 -6.13
N THR A 80 22.19 1.10 -7.21
CA THR A 80 21.18 0.44 -8.06
C THR A 80 21.62 0.58 -9.51
N LEU A 81 21.60 -0.52 -10.24
CA LEU A 81 21.95 -0.53 -11.66
C LEU A 81 20.87 -1.24 -12.46
N ILE A 82 20.16 -0.48 -13.29
CA ILE A 82 19.07 -1.03 -14.10
C ILE A 82 19.56 -1.36 -15.52
N LEU A 83 19.58 -2.64 -15.85
CA LEU A 83 20.00 -3.08 -17.20
C LEU A 83 18.84 -3.59 -18.03
N THR A 84 17.68 -3.67 -17.40
CA THR A 84 16.44 -4.15 -17.97
C THR A 84 16.34 -3.97 -19.48
N GLY A 85 16.07 -5.05 -20.20
CA GLY A 85 15.76 -4.97 -21.62
C GLY A 85 16.89 -4.61 -22.57
N ASN A 86 18.09 -5.09 -22.27
CA ASN A 86 19.26 -4.93 -23.16
C ASN A 86 19.62 -6.33 -23.68
N PRO A 87 19.83 -6.46 -25.01
CA PRO A 87 20.08 -7.76 -25.61
C PRO A 87 21.55 -8.17 -25.48
N ILE A 88 21.99 -8.39 -24.24
CA ILE A 88 23.40 -8.66 -23.94
C ILE A 88 23.87 -9.99 -24.50
N GLN A 89 24.97 -9.94 -25.25
CA GLN A 89 25.55 -11.11 -25.90
C GLN A 89 27.01 -11.34 -25.53
N SER A 90 27.56 -10.42 -24.74
CA SER A 90 28.94 -10.57 -24.25
C SER A 90 29.14 -9.78 -22.96
N LEU A 91 29.32 -10.49 -21.86
CA LEU A 91 29.62 -9.86 -20.59
C LEU A 91 30.98 -10.36 -20.14
N ALA A 92 31.92 -9.45 -19.99
CA ALA A 92 33.25 -9.85 -19.59
C ALA A 92 33.15 -10.40 -18.18
N LEU A 93 34.20 -11.10 -17.77
CA LEU A 93 34.33 -11.60 -16.42
C LEU A 93 34.24 -10.46 -15.41
N GLY A 94 34.82 -9.30 -15.78
CA GLY A 94 34.87 -8.14 -14.91
C GLY A 94 34.06 -6.95 -15.40
N ALA A 95 32.88 -7.24 -15.95
CA ALA A 95 31.96 -6.22 -16.45
C ALA A 95 31.39 -5.35 -15.31
N PHE A 96 31.33 -5.93 -14.11
CA PHE A 96 30.81 -5.24 -12.95
C PHE A 96 31.95 -4.93 -11.96
N SER A 97 33.13 -4.71 -12.52
CA SER A 97 34.32 -4.30 -11.76
C SER A 97 34.16 -2.85 -11.23
N GLY A 98 34.41 -2.65 -9.95
CA GLY A 98 34.31 -1.30 -9.36
C GLY A 98 33.02 -0.98 -8.62
N LEU A 99 32.04 -1.87 -8.72
CA LEU A 99 30.72 -1.63 -8.11
C LEU A 99 30.68 -2.07 -6.63
N SER A 100 31.60 -1.52 -5.83
CA SER A 100 31.83 -1.97 -4.47
C SER A 100 30.69 -1.63 -3.50
N SER A 101 29.68 -0.91 -3.99
CA SER A 101 28.51 -0.53 -3.19
C SER A 101 27.19 -1.17 -3.66
N LEU A 102 27.11 -1.62 -4.91
CA LEU A 102 25.87 -2.11 -5.52
C LEU A 102 25.03 -2.98 -4.57
N GLN A 103 23.81 -2.52 -4.30
CA GLN A 103 22.85 -3.23 -3.43
C GLN A 103 21.70 -3.85 -4.21
N LYS A 104 21.55 -3.42 -5.46
CA LYS A 104 20.45 -3.90 -6.26
C LYS A 104 20.88 -3.98 -7.71
N LEU A 105 20.59 -5.12 -8.35
CA LEU A 105 20.87 -5.30 -9.77
C LEU A 105 19.63 -5.83 -10.46
N VAL A 106 19.16 -5.07 -11.43
CA VAL A 106 17.98 -5.44 -12.20
C VAL A 106 18.43 -5.79 -13.62
N ALA A 107 18.25 -7.05 -14.00
CA ALA A 107 18.69 -7.49 -15.30
C ALA A 107 17.57 -8.31 -15.92
N VAL A 108 16.37 -7.74 -15.93
CA VAL A 108 15.21 -8.32 -16.58
C VAL A 108 15.48 -8.32 -18.09
N GLU A 109 15.14 -9.43 -18.73
CA GLU A 109 15.17 -9.54 -20.20
C GLU A 109 16.51 -9.07 -20.73
N THR A 110 17.57 -9.77 -20.33
CA THR A 110 18.92 -9.49 -20.84
C THR A 110 19.49 -10.72 -21.52
N ASN A 111 18.61 -11.44 -22.22
CA ASN A 111 18.98 -12.72 -22.86
C ASN A 111 19.85 -13.63 -21.99
N LEU A 112 19.71 -13.50 -20.66
CA LEU A 112 20.46 -14.33 -19.72
C LEU A 112 19.96 -15.75 -19.82
N ALA A 113 20.91 -16.65 -20.10
CA ALA A 113 20.61 -18.07 -20.29
C ALA A 113 20.92 -18.90 -19.06
N SER A 114 21.75 -18.38 -18.17
CA SER A 114 22.12 -19.04 -16.91
C SER A 114 22.90 -18.11 -15.96
N LEU A 115 22.76 -18.39 -14.68
CA LEU A 115 23.43 -17.66 -13.61
C LEU A 115 24.86 -18.10 -13.41
N GLU A 116 25.18 -19.27 -13.95
CA GLU A 116 26.50 -19.88 -13.74
C GLU A 116 27.61 -18.96 -14.21
N ASN A 117 27.43 -18.40 -15.41
CA ASN A 117 28.43 -17.57 -16.09
C ASN A 117 28.22 -16.08 -15.89
N PHE A 118 27.25 -15.74 -15.04
CA PHE A 118 26.93 -14.38 -14.71
C PHE A 118 27.97 -13.86 -13.73
N PRO A 119 28.86 -12.96 -14.18
CA PRO A 119 30.00 -12.46 -13.39
C PRO A 119 29.63 -11.49 -12.26
N ILE A 120 28.99 -11.99 -11.22
CA ILE A 120 28.55 -11.12 -10.11
C ILE A 120 28.98 -11.63 -8.72
N GLY A 121 29.73 -12.73 -8.71
CA GLY A 121 30.13 -13.41 -7.47
C GLY A 121 30.88 -12.53 -6.48
N HIS A 122 31.40 -11.42 -6.96
CA HIS A 122 32.22 -10.51 -6.15
C HIS A 122 31.47 -9.30 -5.60
N LEU A 123 30.17 -9.22 -5.84
CA LEU A 123 29.40 -8.05 -5.41
C LEU A 123 28.75 -8.29 -4.03
N LYS A 124 29.58 -8.32 -3.00
CA LYS A 124 29.16 -8.72 -1.65
C LYS A 124 28.03 -7.91 -1.04
N THR A 125 27.99 -6.62 -1.33
CA THR A 125 26.93 -5.73 -0.84
C THR A 125 25.55 -5.93 -1.51
N LEU A 126 25.49 -6.73 -2.59
CA LEU A 126 24.22 -7.03 -3.29
C LEU A 126 23.15 -7.55 -2.36
N LYS A 127 22.05 -6.81 -2.28
CA LYS A 127 20.88 -7.21 -1.50
C LYS A 127 19.77 -7.73 -2.41
N GLU A 128 19.69 -7.19 -3.62
CA GLU A 128 18.62 -7.58 -4.52
C GLU A 128 19.10 -7.92 -5.92
N LEU A 129 18.68 -9.08 -6.42
CA LEU A 129 18.92 -9.44 -7.80
C LEU A 129 17.61 -9.83 -8.48
N ASN A 130 17.28 -9.09 -9.53
CA ASN A 130 16.10 -9.33 -10.33
C ASN A 130 16.53 -9.87 -11.71
N VAL A 131 16.32 -11.16 -11.94
CA VAL A 131 16.58 -11.75 -13.26
C VAL A 131 15.31 -12.33 -13.93
N ALA A 132 14.20 -11.66 -13.71
CA ALA A 132 12.91 -12.08 -14.26
C ALA A 132 12.91 -12.01 -15.77
N HIS A 133 12.16 -12.91 -16.39
CA HIS A 133 11.91 -12.87 -17.83
C HIS A 133 13.20 -13.02 -18.64
N ASN A 134 13.99 -14.02 -18.27
CA ASN A 134 15.17 -14.39 -19.06
C ASN A 134 14.98 -15.80 -19.63
N LEU A 135 16.07 -16.46 -20.04
CA LEU A 135 15.96 -17.81 -20.59
C LEU A 135 16.52 -18.86 -19.62
N ILE A 136 16.64 -18.49 -18.34
CA ILE A 136 17.23 -19.39 -17.36
C ILE A 136 16.33 -20.60 -17.24
N GLN A 137 16.88 -21.79 -17.47
CA GLN A 137 16.12 -23.02 -17.25
C GLN A 137 16.55 -23.88 -16.06
N SER A 138 17.59 -23.48 -15.33
CA SER A 138 18.06 -24.24 -14.16
C SER A 138 17.82 -23.55 -12.83
N PHE A 139 17.31 -24.29 -11.85
CA PHE A 139 17.16 -23.78 -10.47
C PHE A 139 18.43 -24.00 -9.66
N LYS A 140 19.42 -24.68 -10.23
CA LYS A 140 20.70 -24.84 -9.52
C LYS A 140 21.29 -23.47 -9.21
N LEU A 141 21.60 -23.23 -7.95
CA LEU A 141 22.18 -21.97 -7.52
C LEU A 141 23.70 -22.06 -7.64
N PRO A 142 24.33 -21.17 -8.45
CA PRO A 142 25.78 -21.14 -8.66
C PRO A 142 26.58 -20.98 -7.38
N GLU A 143 27.77 -21.57 -7.36
CA GLU A 143 28.60 -21.67 -6.15
C GLU A 143 29.02 -20.31 -5.61
N TYR A 144 29.05 -19.28 -6.46
CA TYR A 144 29.45 -17.93 -6.03
C TYR A 144 28.43 -17.27 -5.09
N PHE A 145 27.19 -17.70 -5.14
CA PHE A 145 26.13 -17.26 -4.25
C PHE A 145 26.57 -17.37 -2.80
N SER A 146 27.59 -18.20 -2.57
CA SER A 146 28.08 -18.38 -1.21
C SER A 146 28.78 -17.12 -0.73
N ASN A 147 29.28 -16.32 -1.69
CA ASN A 147 29.87 -15.00 -1.42
C ASN A 147 28.84 -13.87 -1.32
N LEU A 148 27.60 -14.18 -1.69
CA LEU A 148 26.50 -13.22 -1.73
C LEU A 148 25.68 -13.23 -0.45
N THR A 149 26.35 -12.83 0.62
CA THR A 149 25.90 -13.03 1.99
C THR A 149 24.76 -12.11 2.39
N ASN A 150 24.72 -10.91 1.82
CA ASN A 150 23.63 -9.98 2.12
C ASN A 150 22.43 -10.05 1.17
N LEU A 151 22.48 -10.94 0.17
CA LEU A 151 21.36 -11.12 -0.78
C LEU A 151 20.08 -11.48 -0.06
N GLU A 152 19.04 -10.66 -0.22
CA GLU A 152 17.78 -10.87 0.48
C GLU A 152 16.60 -11.13 -0.46
N HIS A 153 16.77 -10.81 -1.74
CA HIS A 153 15.72 -11.05 -2.76
C HIS A 153 16.26 -11.56 -4.12
N LEU A 154 15.81 -12.74 -4.50
CA LEU A 154 16.12 -13.27 -5.80
C LEU A 154 14.83 -13.41 -6.62
N ASP A 155 14.77 -12.65 -7.69
CA ASP A 155 13.65 -12.71 -8.60
C ASP A 155 13.97 -13.55 -9.84
N LEU A 156 13.36 -14.74 -9.90
CA LEU A 156 13.61 -15.67 -10.98
C LEU A 156 12.35 -15.85 -11.84
N SER A 157 11.36 -14.99 -11.62
CA SER A 157 10.06 -15.12 -12.30
C SER A 157 10.19 -15.03 -13.83
N SER A 158 9.22 -15.60 -14.52
CA SER A 158 9.13 -15.52 -15.98
C SER A 158 10.36 -16.05 -16.71
N ASN A 159 10.94 -17.13 -16.22
CA ASN A 159 12.06 -17.78 -16.91
C ASN A 159 11.59 -19.13 -17.42
N LYS A 160 12.49 -20.11 -17.46
CA LYS A 160 12.19 -21.36 -18.15
C LYS A 160 12.30 -22.63 -17.28
N ILE A 161 12.22 -22.47 -15.95
CA ILE A 161 12.36 -23.58 -14.98
C ILE A 161 11.14 -24.51 -14.95
N GLN A 162 11.36 -25.74 -15.38
CA GLN A 162 10.31 -26.75 -15.39
C GLN A 162 10.50 -27.79 -14.28
N SER A 163 11.74 -27.92 -13.77
CA SER A 163 12.10 -28.91 -12.76
C SER A 163 13.06 -28.34 -11.73
N ILE A 164 12.85 -28.71 -10.47
CA ILE A 164 13.75 -28.39 -9.40
C ILE A 164 14.25 -29.73 -8.86
N TYR A 165 15.57 -29.91 -8.85
CA TYR A 165 16.15 -31.18 -8.38
C TYR A 165 16.74 -31.05 -6.99
N CYS A 166 16.82 -32.17 -6.29
CA CYS A 166 17.41 -32.22 -4.97
C CYS A 166 18.75 -31.50 -4.91
N THR A 167 19.54 -31.59 -5.97
CA THR A 167 20.88 -30.99 -6.04
C THR A 167 20.93 -29.47 -6.36
N ASP A 168 19.76 -28.90 -6.64
CA ASP A 168 19.71 -27.51 -7.05
C ASP A 168 20.09 -26.53 -5.93
N LEU A 169 19.72 -26.78 -4.68
CA LEU A 169 20.04 -25.80 -3.64
C LEU A 169 21.12 -26.15 -2.61
N ARG A 170 22.09 -26.95 -3.01
CA ARG A 170 23.18 -27.32 -2.08
C ARG A 170 23.91 -26.13 -1.47
N VAL A 171 24.17 -25.10 -2.28
CA VAL A 171 24.88 -23.89 -1.82
C VAL A 171 24.09 -23.09 -0.78
N LEU A 172 22.76 -23.04 -0.97
CA LEU A 172 21.85 -22.32 -0.08
C LEU A 172 21.81 -22.98 1.29
N HIS A 173 21.96 -24.31 1.28
CA HIS A 173 21.93 -25.17 2.46
C HIS A 173 23.12 -24.90 3.38
N GLN A 174 24.27 -24.59 2.78
CA GLN A 174 25.51 -24.28 3.48
C GLN A 174 25.51 -22.83 3.98
N MET A 175 24.41 -22.12 3.73
CA MET A 175 24.28 -20.72 4.19
C MET A 175 23.18 -20.64 5.24
N PRO A 176 23.50 -20.99 6.50
CA PRO A 176 22.49 -20.94 7.55
C PRO A 176 22.47 -19.57 8.25
N LEU A 177 22.83 -18.53 7.50
CA LEU A 177 22.72 -17.16 7.96
C LEU A 177 21.88 -16.31 7.00
N LEU A 178 21.48 -16.92 5.88
CA LEU A 178 20.78 -16.21 4.80
C LEU A 178 19.31 -15.96 5.11
N ASN A 179 18.82 -14.78 4.73
CA ASN A 179 17.41 -14.44 4.78
C ASN A 179 16.95 -14.12 3.36
N LEU A 180 16.48 -15.13 2.62
CA LEU A 180 16.17 -14.96 1.18
C LEU A 180 14.68 -15.07 0.83
N SER A 181 14.16 -14.04 0.17
CA SER A 181 12.82 -14.09 -0.39
C SER A 181 12.93 -14.53 -1.85
N LEU A 182 12.26 -15.62 -2.21
CA LEU A 182 12.30 -16.11 -3.60
C LEU A 182 10.93 -16.04 -4.27
N ASP A 183 10.92 -15.60 -5.51
CA ASP A 183 9.71 -15.54 -6.32
C ASP A 183 9.96 -16.36 -7.59
N LEU A 184 9.12 -17.34 -7.83
CA LEU A 184 9.31 -18.20 -8.99
C LEU A 184 8.11 -18.10 -9.95
N SER A 185 7.32 -17.03 -9.78
CA SER A 185 6.16 -16.73 -10.61
C SER A 185 6.42 -17.00 -12.10
N LEU A 186 5.45 -17.64 -12.75
CA LEU A 186 5.47 -17.79 -14.22
C LEU A 186 6.55 -18.70 -14.85
N ASN A 187 7.15 -19.56 -14.05
CA ASN A 187 8.03 -20.59 -14.59
C ASN A 187 7.15 -21.79 -14.99
N PRO A 188 7.37 -22.39 -16.18
CA PRO A 188 6.56 -23.55 -16.55
C PRO A 188 6.83 -24.83 -15.73
N MET A 189 6.40 -24.84 -14.46
CA MET A 189 6.83 -25.88 -13.52
C MET A 189 5.93 -27.12 -13.41
N ASN A 190 6.53 -28.30 -13.60
CA ASN A 190 5.79 -29.57 -13.54
C ASN A 190 6.24 -30.58 -12.47
N PHE A 191 7.46 -30.43 -11.96
CA PHE A 191 7.98 -31.39 -10.99
C PHE A 191 8.93 -30.76 -10.00
N ILE A 192 8.71 -31.02 -8.71
CA ILE A 192 9.72 -30.70 -7.69
C ILE A 192 10.09 -31.96 -6.93
N GLN A 193 11.34 -32.41 -7.10
CA GLN A 193 11.78 -33.69 -6.50
C GLN A 193 11.66 -33.72 -4.99
N PRO A 194 10.94 -34.72 -4.46
CA PRO A 194 10.78 -34.80 -3.00
C PRO A 194 12.12 -34.75 -2.28
N GLY A 195 12.16 -34.04 -1.16
CA GLY A 195 13.39 -33.93 -0.38
C GLY A 195 14.30 -32.76 -0.73
N ALA A 196 14.06 -32.13 -1.88
CA ALA A 196 14.91 -31.01 -2.32
C ALA A 196 14.91 -29.80 -1.37
N PHE A 197 13.90 -29.70 -0.51
CA PHE A 197 13.71 -28.51 0.35
C PHE A 197 13.88 -28.79 1.85
N LYS A 198 14.24 -30.04 2.16
CA LYS A 198 14.48 -30.48 3.53
C LYS A 198 15.61 -29.65 4.07
N GLU A 199 15.44 -29.17 5.30
CA GLU A 199 16.38 -28.23 5.95
C GLU A 199 16.60 -26.89 5.23
N ILE A 200 15.70 -26.54 4.31
CA ILE A 200 15.78 -25.25 3.66
C ILE A 200 14.78 -24.33 4.31
N ARG A 201 15.20 -23.07 4.46
CA ARG A 201 14.32 -22.02 4.93
C ARG A 201 14.50 -20.76 4.09
N LEU A 202 13.37 -20.15 3.75
CA LEU A 202 13.31 -18.92 2.97
C LEU A 202 12.46 -17.93 3.73
N HIS A 203 12.68 -16.63 3.55
CA HIS A 203 11.83 -15.65 4.19
C HIS A 203 10.46 -15.67 3.51
N LYS A 204 10.46 -15.71 2.18
CA LYS A 204 9.21 -15.68 1.42
C LYS A 204 9.30 -16.53 0.15
N LEU A 205 8.22 -17.24 -0.16
CA LEU A 205 8.12 -17.95 -1.43
C LEU A 205 6.85 -17.58 -2.22
N THR A 206 7.04 -17.04 -3.42
CA THR A 206 5.93 -16.70 -4.28
C THR A 206 5.83 -17.66 -5.46
N LEU A 207 4.67 -18.27 -5.61
CA LEU A 207 4.40 -19.11 -6.74
C LEU A 207 3.07 -18.70 -7.35
N ARG A 208 3.14 -17.89 -8.40
CA ARG A 208 1.92 -17.41 -9.08
C ARG A 208 1.98 -17.77 -10.56
N ASN A 209 0.89 -18.34 -11.09
CA ASN A 209 0.79 -18.72 -12.49
C ASN A 209 1.89 -19.71 -12.90
N ASN A 210 2.16 -20.70 -12.03
CA ASN A 210 3.23 -21.70 -12.23
C ASN A 210 2.74 -23.07 -12.73
N PHE A 211 1.49 -23.44 -12.45
CA PHE A 211 1.02 -24.82 -12.72
C PHE A 211 -0.17 -24.88 -13.69
N ASP A 212 -0.16 -25.90 -14.54
CA ASP A 212 -1.18 -26.08 -15.58
C ASP A 212 -2.37 -26.85 -15.05
N SER A 213 -2.20 -27.46 -13.88
CA SER A 213 -3.20 -28.32 -13.27
C SER A 213 -3.20 -28.30 -11.73
N LEU A 214 -4.39 -28.32 -11.14
CA LEU A 214 -4.56 -28.50 -9.70
C LEU A 214 -4.24 -29.93 -9.24
N ASN A 215 -3.63 -30.68 -10.15
CA ASN A 215 -3.04 -31.98 -9.84
C ASN A 215 -1.53 -31.91 -9.96
N VAL A 216 -1.05 -30.95 -10.73
CA VAL A 216 0.38 -30.69 -10.88
C VAL A 216 0.89 -29.78 -9.76
N MET A 217 0.00 -28.94 -9.23
CA MET A 217 0.33 -28.03 -8.12
C MET A 217 0.70 -28.88 -6.90
N LYS A 218 -0.16 -29.88 -6.68
CA LYS A 218 -0.09 -30.83 -5.59
C LYS A 218 1.24 -31.59 -5.60
N THR A 219 1.65 -32.05 -6.78
CA THR A 219 2.93 -32.74 -6.98
C THR A 219 4.10 -31.85 -6.62
N CYS A 220 3.99 -30.57 -6.96
CA CYS A 220 5.06 -29.62 -6.70
C CYS A 220 5.11 -29.25 -5.24
N ILE A 221 3.96 -29.12 -4.59
CA ILE A 221 3.87 -28.95 -3.14
C ILE A 221 4.47 -30.10 -2.34
N GLN A 222 4.25 -31.36 -2.77
CA GLN A 222 4.93 -32.48 -2.09
C GLN A 222 6.47 -32.45 -2.16
N GLY A 223 7.03 -31.80 -3.17
CA GLY A 223 8.46 -31.61 -3.28
C GLY A 223 8.99 -30.43 -2.49
N LEU A 224 8.06 -29.61 -1.97
CA LEU A 224 8.37 -28.50 -1.05
C LEU A 224 8.58 -28.95 0.39
N ALA A 225 8.30 -30.22 0.63
CA ALA A 225 8.46 -30.87 1.93
C ALA A 225 9.79 -30.56 2.63
N GLY A 226 9.68 -30.10 3.88
CA GLY A 226 10.83 -29.81 4.74
C GLY A 226 11.12 -28.31 4.81
N LEU A 227 10.57 -27.56 3.85
CA LEU A 227 10.79 -26.13 3.78
C LEU A 227 10.12 -25.44 4.97
N GLU A 228 10.88 -24.56 5.59
CA GLU A 228 10.41 -23.66 6.61
C GLU A 228 10.39 -22.30 5.95
N VAL A 229 9.21 -21.68 5.85
CA VAL A 229 9.04 -20.35 5.22
C VAL A 229 8.23 -19.39 6.08
N HIS A 230 8.68 -18.14 6.12
CA HIS A 230 7.94 -17.10 6.80
C HIS A 230 6.64 -16.78 6.06
N ARG A 231 6.71 -16.55 4.75
CA ARG A 231 5.53 -16.17 3.97
C ARG A 231 5.37 -16.98 2.68
N LEU A 232 4.41 -17.88 2.66
CA LEU A 232 4.08 -18.54 1.40
C LEU A 232 2.93 -17.84 0.66
N VAL A 233 3.15 -17.55 -0.62
CA VAL A 233 2.10 -16.97 -1.45
C VAL A 233 1.85 -17.91 -2.61
N LEU A 234 0.60 -18.36 -2.76
CA LEU A 234 0.17 -19.18 -3.90
C LEU A 234 -0.87 -18.45 -4.72
N GLY A 235 -0.54 -18.10 -5.95
CA GLY A 235 -1.45 -17.37 -6.80
C GLY A 235 -1.72 -18.04 -8.14
N GLU A 236 -2.93 -17.82 -8.65
CA GLU A 236 -3.34 -18.33 -9.98
C GLU A 236 -4.39 -17.40 -10.53
N PHE A 237 -4.04 -16.64 -11.58
CA PHE A 237 -4.90 -15.59 -12.11
C PHE A 237 -5.43 -15.89 -13.52
N ARG A 238 -5.22 -17.13 -14.00
CA ARG A 238 -5.48 -17.45 -15.40
C ARG A 238 -6.82 -18.15 -15.73
N ASN A 239 -7.70 -18.28 -14.75
CA ASN A 239 -9.00 -18.92 -15.00
C ASN A 239 -9.81 -18.05 -15.96
N GLU A 240 -10.44 -18.67 -16.95
CA GLU A 240 -11.18 -17.93 -17.97
C GLU A 240 -12.70 -18.05 -17.81
N GLY A 241 -13.25 -19.24 -18.12
CA GLY A 241 -14.71 -19.47 -18.18
C GLY A 241 -15.44 -19.39 -16.84
N ASN A 242 -16.21 -20.43 -16.54
CA ASN A 242 -16.89 -20.57 -15.24
C ASN A 242 -15.93 -20.49 -14.05
N LEU A 243 -16.49 -20.33 -12.86
CA LEU A 243 -15.72 -20.47 -11.61
C LEU A 243 -15.21 -21.91 -11.53
N GLU A 244 -13.98 -22.07 -11.09
CA GLU A 244 -13.32 -23.37 -11.03
C GLU A 244 -13.28 -23.84 -9.58
N LYS A 245 -13.45 -25.15 -9.38
CA LYS A 245 -13.42 -25.74 -8.04
C LYS A 245 -11.99 -25.83 -7.55
N PHE A 246 -11.78 -25.41 -6.30
CA PHE A 246 -10.51 -25.62 -5.63
C PHE A 246 -10.69 -26.85 -4.77
N ASP A 247 -10.17 -27.99 -5.25
CA ASP A 247 -10.25 -29.27 -4.54
C ASP A 247 -9.86 -29.14 -3.09
N LYS A 248 -10.73 -29.62 -2.20
CA LYS A 248 -10.55 -29.52 -0.76
C LYS A 248 -9.22 -30.13 -0.29
N SER A 249 -8.66 -31.04 -1.09
CA SER A 249 -7.47 -31.79 -0.72
C SER A 249 -6.19 -31.29 -1.38
N ALA A 250 -6.34 -30.45 -2.40
CA ALA A 250 -5.23 -29.71 -3.04
C ALA A 250 -4.21 -29.05 -2.10
N LEU A 251 -4.52 -28.95 -0.81
CA LEU A 251 -3.64 -28.25 0.15
C LEU A 251 -3.11 -29.10 1.28
N GLU A 252 -3.51 -30.37 1.33
CA GLU A 252 -3.07 -31.26 2.41
C GLU A 252 -1.54 -31.49 2.42
N GLY A 253 -0.86 -31.13 1.34
CA GLY A 253 0.61 -31.19 1.30
C GLY A 253 1.29 -30.13 2.15
N LEU A 254 0.56 -29.09 2.53
CA LEU A 254 1.13 -27.96 3.28
C LEU A 254 1.40 -28.29 4.74
N CYS A 255 0.95 -29.46 5.17
CA CYS A 255 1.17 -29.93 6.54
C CYS A 255 2.63 -30.33 6.79
N ASN A 256 3.35 -30.57 5.70
CA ASN A 256 4.74 -30.98 5.77
C ASN A 256 5.73 -29.87 5.43
N LEU A 257 5.27 -28.64 5.64
CA LEU A 257 6.04 -27.39 5.55
C LEU A 257 5.92 -26.65 6.88
N THR A 258 6.83 -25.70 7.13
CA THR A 258 6.69 -24.77 8.25
C THR A 258 6.43 -23.35 7.73
N ILE A 259 5.17 -22.91 7.79
CA ILE A 259 4.74 -21.61 7.29
C ILE A 259 4.25 -20.71 8.43
N GLU A 260 4.73 -19.47 8.47
CA GLU A 260 4.27 -18.48 9.46
C GLU A 260 3.10 -17.64 8.94
N GLU A 261 3.16 -17.28 7.66
CA GLU A 261 2.12 -16.44 7.04
C GLU A 261 1.76 -17.02 5.70
N PHE A 262 0.45 -17.12 5.40
CA PHE A 262 -0.01 -17.75 4.17
C PHE A 262 -1.00 -16.90 3.37
N ARG A 263 -0.76 -16.77 2.07
CA ARG A 263 -1.74 -16.16 1.16
C ARG A 263 -2.13 -17.08 -0.03
N LEU A 264 -3.43 -17.15 -0.28
CA LEU A 264 -3.96 -17.88 -1.42
C LEU A 264 -4.75 -16.91 -2.30
N ALA A 265 -4.25 -16.68 -3.52
CA ALA A 265 -4.87 -15.75 -4.42
C ALA A 265 -5.28 -16.48 -5.70
N TYR A 266 -6.41 -17.15 -5.65
CA TYR A 266 -6.86 -17.96 -6.77
C TYR A 266 -8.08 -17.36 -7.43
N LEU A 267 -7.81 -16.54 -8.46
CA LEU A 267 -8.80 -15.73 -9.15
C LEU A 267 -9.97 -16.57 -9.65
N ASP A 268 -11.16 -16.20 -9.22
CA ASP A 268 -12.38 -16.91 -9.61
C ASP A 268 -12.33 -18.43 -9.43
N TYR A 269 -11.62 -18.91 -8.41
CA TYR A 269 -11.82 -20.28 -7.97
C TYR A 269 -12.88 -20.18 -6.90
N TYR A 270 -13.58 -21.28 -6.67
CA TYR A 270 -14.54 -21.35 -5.59
C TYR A 270 -14.24 -22.49 -4.61
N LEU A 271 -14.50 -22.22 -3.32
CA LEU A 271 -14.24 -23.21 -2.30
C LEU A 271 -15.57 -23.78 -1.85
N ASP A 272 -15.60 -25.08 -1.65
CA ASP A 272 -16.84 -25.77 -1.28
C ASP A 272 -16.57 -26.40 0.09
N ASP A 273 -15.40 -26.06 0.64
CA ASP A 273 -14.93 -26.55 1.92
C ASP A 273 -14.05 -25.48 2.59
N ILE A 274 -13.90 -25.58 3.92
CA ILE A 274 -13.01 -24.69 4.67
C ILE A 274 -12.17 -25.51 5.64
N ILE A 275 -12.85 -26.29 6.47
CA ILE A 275 -12.23 -26.88 7.65
C ILE A 275 -11.03 -27.78 7.31
N ASP A 276 -11.20 -28.65 6.31
CA ASP A 276 -10.15 -29.58 5.88
C ASP A 276 -9.25 -28.97 4.82
N LEU A 277 -9.83 -28.11 3.99
CA LEU A 277 -9.08 -27.36 2.97
C LEU A 277 -7.93 -26.61 3.67
N PHE A 278 -8.27 -25.90 4.75
CA PHE A 278 -7.31 -25.05 5.45
C PHE A 278 -6.78 -25.65 6.75
N ASN A 279 -7.00 -26.95 6.95
CA ASN A 279 -6.48 -27.65 8.13
C ASN A 279 -4.97 -27.46 8.34
N CYS A 280 -4.19 -27.59 7.28
CA CYS A 280 -2.73 -27.45 7.37
C CYS A 280 -2.26 -26.04 7.64
N LEU A 281 -3.21 -25.12 7.81
CA LEU A 281 -2.92 -23.71 8.06
C LEU A 281 -3.45 -23.25 9.43
N THR A 282 -4.00 -24.18 10.19
CA THR A 282 -4.65 -23.89 11.46
C THR A 282 -3.77 -23.02 12.38
N ASN A 283 -2.46 -23.29 12.39
CA ASN A 283 -1.50 -22.63 13.28
C ASN A 283 -0.77 -21.43 12.65
N VAL A 284 -1.10 -21.08 11.41
CA VAL A 284 -0.45 -19.95 10.76
C VAL A 284 -0.85 -18.69 11.53
N SER A 285 0.06 -17.73 11.67
CA SER A 285 -0.27 -16.46 12.34
C SER A 285 -1.01 -15.46 11.48
N SER A 286 -0.77 -15.49 10.16
CA SER A 286 -1.46 -14.60 9.21
C SER A 286 -2.04 -15.41 8.03
N PHE A 287 -3.36 -15.41 7.92
CA PHE A 287 -4.06 -16.09 6.84
C PHE A 287 -4.65 -15.08 5.87
N SER A 288 -4.53 -15.37 4.57
CA SER A 288 -4.98 -14.45 3.54
C SER A 288 -5.67 -15.09 2.33
N LEU A 289 -6.90 -14.68 2.08
CA LEU A 289 -7.68 -15.16 0.94
C LEU A 289 -8.08 -14.01 0.07
N VAL A 290 -7.66 -14.08 -1.19
CA VAL A 290 -7.85 -13.00 -2.17
C VAL A 290 -8.46 -13.52 -3.48
N SER A 291 -9.57 -12.92 -3.88
CA SER A 291 -10.20 -13.08 -5.21
C SER A 291 -10.98 -14.39 -5.44
N VAL A 292 -11.16 -15.14 -4.35
CA VAL A 292 -11.84 -16.44 -4.35
C VAL A 292 -13.35 -16.30 -4.14
N THR A 293 -14.11 -17.32 -4.50
CA THR A 293 -15.56 -17.31 -4.26
C THR A 293 -15.93 -18.30 -3.15
N ILE A 294 -16.58 -17.79 -2.10
CA ILE A 294 -16.90 -18.64 -0.96
C ILE A 294 -18.41 -18.55 -0.70
N GLU A 295 -19.17 -19.46 -1.31
CA GLU A 295 -20.62 -19.42 -1.21
C GLU A 295 -21.14 -20.57 -0.35
N ARG A 296 -21.02 -21.80 -0.84
CA ARG A 296 -21.47 -23.00 -0.13
C ARG A 296 -21.06 -22.92 1.34
N VAL A 297 -19.79 -22.64 1.58
CA VAL A 297 -19.30 -22.43 2.95
C VAL A 297 -19.38 -20.95 3.35
N LYS A 298 -19.54 -20.70 4.64
CA LYS A 298 -19.72 -19.33 5.13
C LYS A 298 -19.26 -19.22 6.58
N ASP A 299 -18.46 -20.19 7.03
CA ASP A 299 -18.01 -20.19 8.41
C ASP A 299 -16.54 -20.58 8.61
N PHE A 300 -15.73 -19.56 8.85
CA PHE A 300 -14.33 -19.73 9.21
C PHE A 300 -14.29 -19.88 10.72
N SER A 301 -15.49 -19.79 11.30
CA SER A 301 -15.71 -19.91 12.74
C SER A 301 -15.39 -21.29 13.25
N TYR A 302 -14.09 -21.54 13.39
CA TYR A 302 -13.55 -22.74 13.99
C TYR A 302 -12.66 -22.31 15.18
N ASN A 303 -11.53 -22.99 15.37
CA ASN A 303 -10.60 -22.62 16.40
C ASN A 303 -9.25 -22.29 15.80
N PHE A 304 -9.21 -22.04 14.49
CA PHE A 304 -7.98 -21.61 13.81
C PHE A 304 -7.23 -20.65 14.72
N GLY A 305 -5.91 -20.80 14.83
CA GLY A 305 -5.12 -19.92 15.71
C GLY A 305 -4.58 -18.67 15.03
N TRP A 306 -5.22 -18.26 13.95
CA TRP A 306 -4.79 -17.07 13.21
C TRP A 306 -4.85 -15.84 14.10
N GLN A 307 -3.88 -14.94 13.93
CA GLN A 307 -3.87 -13.66 14.62
C GLN A 307 -4.23 -12.54 13.66
N HIS A 308 -3.93 -12.72 12.38
CA HIS A 308 -4.25 -11.73 11.35
C HIS A 308 -5.01 -12.44 10.28
N LEU A 309 -6.22 -11.97 9.97
CA LEU A 309 -7.04 -12.59 8.93
C LEU A 309 -7.39 -11.56 7.90
N GLU A 310 -7.06 -11.84 6.64
CA GLU A 310 -7.32 -10.91 5.55
C GLU A 310 -8.16 -11.57 4.48
N LEU A 311 -9.35 -11.01 4.24
CA LEU A 311 -10.28 -11.49 3.21
C LEU A 311 -10.67 -10.33 2.33
N VAL A 312 -10.10 -10.30 1.12
CA VAL A 312 -10.22 -9.12 0.24
C VAL A 312 -10.57 -9.47 -1.20
N ASN A 313 -11.52 -8.74 -1.78
CA ASN A 313 -11.88 -8.93 -3.17
C ASN A 313 -12.37 -10.37 -3.42
N CYS A 314 -13.21 -10.88 -2.52
CA CYS A 314 -13.88 -12.20 -2.65
C CYS A 314 -15.39 -12.06 -2.81
N LYS A 315 -16.04 -13.13 -3.29
CA LYS A 315 -17.50 -13.19 -3.36
C LYS A 315 -18.03 -14.18 -2.31
N PHE A 316 -18.91 -13.70 -1.43
CA PHE A 316 -19.28 -14.46 -0.23
C PHE A 316 -20.72 -14.98 -0.16
N GLY A 317 -21.66 -14.38 -0.87
CA GLY A 317 -23.05 -14.85 -0.79
C GLY A 317 -23.69 -14.51 0.54
N GLN A 318 -22.87 -14.37 1.58
CA GLN A 318 -23.34 -14.00 2.91
C GLN A 318 -22.14 -13.67 3.81
N PHE A 319 -22.28 -12.66 4.66
CA PHE A 319 -21.23 -12.28 5.62
C PHE A 319 -20.90 -13.41 6.60
N PRO A 320 -19.69 -13.99 6.48
CA PRO A 320 -19.37 -15.19 7.23
C PRO A 320 -19.23 -14.95 8.73
N THR A 321 -19.75 -15.91 9.51
CA THR A 321 -19.57 -15.94 10.95
C THR A 321 -18.13 -16.32 11.30
N LEU A 322 -17.53 -15.51 12.16
CA LEU A 322 -16.14 -15.72 12.55
C LEU A 322 -16.11 -15.76 14.06
N LYS A 323 -15.49 -16.79 14.60
CA LYS A 323 -15.35 -16.97 16.01
C LYS A 323 -13.94 -17.46 16.23
N LEU A 324 -13.02 -16.54 16.52
CA LEU A 324 -11.61 -16.89 16.70
C LEU A 324 -11.09 -16.22 17.94
N LYS A 325 -10.58 -17.02 18.86
CA LYS A 325 -10.10 -16.56 20.17
C LYS A 325 -8.78 -15.77 20.13
N SER A 326 -8.01 -15.94 19.05
CA SER A 326 -6.65 -15.39 18.94
C SER A 326 -6.46 -14.29 17.88
N LEU A 327 -7.48 -14.04 17.06
CA LEU A 327 -7.43 -12.98 16.06
C LEU A 327 -7.35 -11.56 16.65
N LYS A 328 -6.26 -10.87 16.33
CA LYS A 328 -6.04 -9.48 16.75
C LYS A 328 -6.33 -8.43 15.67
N ARG A 329 -6.09 -8.79 14.40
CA ARG A 329 -6.27 -7.87 13.27
C ARG A 329 -7.12 -8.53 12.22
N LEU A 330 -8.30 -7.97 11.93
CA LEU A 330 -9.15 -8.48 10.86
C LEU A 330 -9.33 -7.49 9.70
N THR A 331 -8.99 -7.96 8.49
CA THR A 331 -9.21 -7.17 7.30
C THR A 331 -10.25 -7.84 6.39
N PHE A 332 -11.47 -7.31 6.40
CA PHE A 332 -12.54 -7.79 5.54
C PHE A 332 -12.89 -6.60 4.65
N THR A 333 -12.40 -6.61 3.41
CA THR A 333 -12.46 -5.42 2.55
C THR A 333 -12.75 -5.71 1.06
N SER A 334 -13.44 -4.79 0.39
CA SER A 334 -13.66 -4.83 -1.05
C SER A 334 -14.29 -6.14 -1.55
N ASN A 335 -15.11 -6.76 -0.72
CA ASN A 335 -15.77 -8.01 -1.08
C ASN A 335 -17.18 -7.70 -1.61
N LYS A 336 -17.80 -8.66 -2.29
CA LYS A 336 -19.21 -8.53 -2.68
C LYS A 336 -20.01 -9.75 -2.20
N GLY A 337 -21.31 -9.57 -1.96
CA GLY A 337 -22.18 -10.68 -1.55
C GLY A 337 -22.67 -10.67 -0.10
N GLY A 338 -23.97 -10.87 0.06
CA GLY A 338 -24.59 -10.87 1.38
C GLY A 338 -24.28 -9.55 2.05
N ASN A 339 -25.06 -8.55 1.67
CA ASN A 339 -24.85 -7.16 2.03
C ASN A 339 -25.29 -6.82 3.47
N ALA A 340 -24.98 -7.71 4.41
CA ALA A 340 -25.46 -7.56 5.77
C ALA A 340 -24.46 -7.99 6.81
N PHE A 341 -24.00 -7.05 7.66
CA PHE A 341 -23.10 -7.43 8.75
C PHE A 341 -23.79 -8.37 9.73
N SER A 342 -23.05 -9.30 10.30
CA SER A 342 -23.61 -10.26 11.24
C SER A 342 -22.63 -10.43 12.36
N GLU A 343 -23.16 -10.43 13.59
CA GLU A 343 -22.36 -10.43 14.81
C GLU A 343 -21.22 -11.46 14.75
N VAL A 344 -20.03 -11.05 15.21
CA VAL A 344 -18.90 -11.96 15.29
C VAL A 344 -18.38 -12.01 16.72
N ASP A 345 -17.68 -13.09 17.05
CA ASP A 345 -17.13 -13.27 18.40
C ASP A 345 -15.61 -13.35 18.32
N LEU A 346 -14.97 -12.20 18.46
CA LEU A 346 -13.56 -12.10 18.25
C LEU A 346 -12.93 -11.40 19.44
N PRO A 347 -12.78 -12.13 20.56
CA PRO A 347 -12.15 -11.49 21.70
C PRO A 347 -10.70 -11.21 21.35
N SER A 348 -10.13 -10.12 21.88
CA SER A 348 -8.74 -9.78 21.57
C SER A 348 -8.50 -9.16 20.19
N LEU A 349 -9.58 -8.81 19.50
CA LEU A 349 -9.51 -8.03 18.26
C LEU A 349 -9.16 -6.60 18.65
N GLU A 350 -8.13 -6.05 18.02
CA GLU A 350 -7.64 -4.71 18.31
C GLU A 350 -7.87 -3.78 17.10
N PHE A 351 -7.94 -4.41 15.92
CA PHE A 351 -7.99 -3.74 14.63
C PHE A 351 -9.10 -4.37 13.80
N LEU A 352 -10.01 -3.54 13.31
CA LEU A 352 -11.11 -4.04 12.50
C LEU A 352 -11.35 -3.16 11.29
N ASP A 353 -11.05 -3.71 10.12
CA ASP A 353 -11.25 -3.02 8.86
C ASP A 353 -12.32 -3.74 8.04
N LEU A 354 -13.50 -3.14 7.97
CA LEU A 354 -14.66 -3.70 7.27
C LEU A 354 -15.17 -2.76 6.15
N SER A 355 -14.25 -2.06 5.51
CA SER A 355 -14.60 -0.99 4.57
C SER A 355 -14.85 -1.49 3.17
N ARG A 356 -15.62 -0.74 2.39
CA ARG A 356 -15.80 -1.03 0.96
C ARG A 356 -16.53 -2.36 0.70
N ASN A 357 -17.48 -2.74 1.55
CA ASN A 357 -18.23 -4.00 1.35
C ASN A 357 -19.71 -3.82 1.00
N GLY A 358 -20.17 -2.57 1.00
CA GLY A 358 -21.58 -2.26 0.84
C GLY A 358 -22.47 -2.86 1.91
N LEU A 359 -21.88 -3.21 3.06
CA LEU A 359 -22.68 -3.84 4.10
C LEU A 359 -23.65 -2.86 4.71
N SER A 360 -24.76 -3.39 5.18
CA SER A 360 -25.70 -2.63 5.97
C SER A 360 -25.47 -2.97 7.45
N PHE A 361 -25.62 -1.97 8.33
CA PHE A 361 -25.43 -2.18 9.77
C PHE A 361 -26.65 -1.64 10.51
N LYS A 362 -27.53 -2.55 10.90
CA LYS A 362 -28.84 -2.23 11.47
C LYS A 362 -28.75 -1.74 12.91
N GLY A 363 -27.74 -2.22 13.64
CA GLY A 363 -27.45 -1.71 14.98
C GLY A 363 -25.95 -1.56 15.09
N CYS A 364 -25.50 -0.39 15.54
CA CYS A 364 -24.06 -0.11 15.70
C CYS A 364 -23.91 0.99 16.77
N CYS A 365 -22.82 1.02 17.56
CA CYS A 365 -21.75 0.02 17.56
C CYS A 365 -21.42 -0.28 19.02
N SER A 366 -21.29 -1.56 19.34
CA SER A 366 -20.98 -2.00 20.71
C SER A 366 -20.24 -3.34 20.76
N GLN A 367 -19.85 -3.75 21.96
CA GLN A 367 -19.14 -5.00 22.13
C GLN A 367 -19.91 -6.20 21.61
N SER A 368 -21.24 -6.19 21.77
CA SER A 368 -22.04 -7.37 21.44
C SER A 368 -22.03 -7.65 19.94
N ASP A 369 -21.53 -6.68 19.18
CA ASP A 369 -21.40 -6.83 17.73
C ASP A 369 -20.14 -7.61 17.40
N PHE A 370 -19.05 -7.30 18.12
CA PHE A 370 -17.69 -7.74 17.76
C PHE A 370 -17.00 -8.78 18.68
N GLY A 371 -17.56 -8.99 19.87
CA GLY A 371 -16.96 -9.90 20.88
C GLY A 371 -15.69 -9.41 21.53
N THR A 372 -15.47 -8.10 21.54
CA THR A 372 -14.21 -7.57 22.08
C THR A 372 -14.42 -6.26 22.81
N THR A 373 -13.54 -5.98 23.78
CA THR A 373 -13.49 -4.65 24.40
C THR A 373 -12.18 -3.94 24.08
N SER A 374 -11.26 -4.63 23.40
CA SER A 374 -9.92 -4.14 23.10
C SER A 374 -9.80 -3.37 21.78
N LEU A 375 -10.91 -3.22 21.06
CA LEU A 375 -10.89 -2.49 19.79
C LEU A 375 -10.26 -1.08 19.84
N LYS A 376 -9.24 -0.86 19.02
CA LYS A 376 -8.55 0.44 18.89
C LYS A 376 -8.82 1.13 17.54
N TYR A 377 -9.14 0.34 16.51
CA TYR A 377 -9.25 0.80 15.12
C TYR A 377 -10.50 0.16 14.52
N LEU A 378 -11.36 1.00 13.95
CA LEU A 378 -12.56 0.51 13.34
C LEU A 378 -12.81 1.33 12.09
N ASP A 379 -12.86 0.64 10.97
CA ASP A 379 -13.12 1.27 9.68
C ASP A 379 -14.37 0.69 9.02
N LEU A 380 -15.43 1.48 8.94
CA LEU A 380 -16.69 1.06 8.33
C LEU A 380 -17.04 1.93 7.14
N SER A 381 -16.02 2.50 6.51
CA SER A 381 -16.24 3.36 5.37
C SER A 381 -16.74 2.57 4.16
N PHE A 382 -17.30 3.28 3.19
CA PHE A 382 -17.72 2.73 1.90
C PHE A 382 -18.60 1.51 2.06
N ASN A 383 -19.55 1.60 2.97
CA ASN A 383 -20.55 0.56 3.14
C ASN A 383 -21.95 1.17 2.98
N GLY A 384 -23.00 0.46 3.35
CA GLY A 384 -24.37 0.92 3.16
C GLY A 384 -24.87 1.66 4.38
N VAL A 385 -26.15 1.46 4.72
CA VAL A 385 -26.79 2.16 5.82
C VAL A 385 -26.38 1.66 7.19
N ILE A 386 -25.73 2.53 7.96
CA ILE A 386 -25.33 2.21 9.32
C ILE A 386 -26.29 2.93 10.25
N THR A 387 -27.06 2.15 10.99
CA THR A 387 -27.98 2.71 11.95
C THR A 387 -27.36 2.62 13.32
N MET A 388 -27.14 3.77 13.94
CA MET A 388 -26.60 3.85 15.29
C MET A 388 -27.72 3.55 16.28
N SER A 389 -27.40 2.82 17.34
CA SER A 389 -28.35 2.50 18.41
C SER A 389 -27.62 2.51 19.74
N SER A 390 -26.35 2.09 19.71
CA SER A 390 -25.49 2.02 20.88
C SER A 390 -24.27 2.92 20.72
N ASN A 391 -24.04 3.73 21.74
CA ASN A 391 -22.98 4.72 21.75
C ASN A 391 -21.65 4.06 22.13
N PHE A 392 -21.23 3.10 21.31
CA PHE A 392 -19.89 2.53 21.41
C PHE A 392 -19.62 1.94 22.79
N LEU A 393 -20.61 1.19 23.26
CA LEU A 393 -20.55 0.54 24.56
C LEU A 393 -19.67 -0.68 24.47
N GLY A 394 -18.71 -0.78 25.39
CA GLY A 394 -17.71 -1.84 25.33
C GLY A 394 -16.57 -1.54 24.37
N LEU A 395 -16.56 -0.35 23.77
CA LEU A 395 -15.51 0.03 22.82
C LEU A 395 -14.90 1.43 23.08
N GLU A 396 -14.79 1.82 24.34
CA GLU A 396 -14.28 3.14 24.78
C GLU A 396 -12.80 3.40 24.51
N GLN A 397 -12.09 2.38 24.07
CA GLN A 397 -10.67 2.51 23.79
C GLN A 397 -10.38 2.93 22.32
N LEU A 398 -11.44 3.03 21.52
CA LEU A 398 -11.29 3.44 20.12
C LEU A 398 -10.42 4.69 20.01
N GLU A 399 -9.48 4.64 19.07
CA GLU A 399 -8.59 5.76 18.77
C GLU A 399 -8.73 6.19 17.32
N HIS A 400 -9.23 5.29 16.48
CA HIS A 400 -9.45 5.57 15.05
C HIS A 400 -10.85 5.07 14.66
N LEU A 401 -11.61 5.93 13.98
CA LEU A 401 -12.98 5.63 13.55
C LEU A 401 -13.25 6.27 12.20
N ASP A 402 -13.71 5.49 11.23
CA ASP A 402 -13.90 5.96 9.85
C ASP A 402 -15.22 5.44 9.34
N PHE A 403 -16.10 6.35 8.95
CA PHE A 403 -17.41 6.00 8.43
C PHE A 403 -17.59 6.52 6.98
N GLN A 404 -16.55 7.13 6.42
CA GLN A 404 -16.69 7.92 5.20
C GLN A 404 -17.43 7.21 4.08
N HIS A 405 -18.41 7.90 3.49
CA HIS A 405 -19.20 7.40 2.38
C HIS A 405 -20.26 6.35 2.75
N SER A 406 -20.41 6.07 4.05
CA SER A 406 -21.51 5.23 4.49
C SER A 406 -22.69 6.10 4.91
N ASN A 407 -23.90 5.64 4.66
CA ASN A 407 -25.07 6.39 5.09
C ASN A 407 -25.30 6.19 6.60
N LEU A 408 -25.02 7.21 7.39
CA LEU A 408 -25.20 7.09 8.83
C LEU A 408 -26.56 7.59 9.28
N LYS A 409 -27.22 6.81 10.14
CA LYS A 409 -28.54 7.16 10.64
C LYS A 409 -28.46 7.30 12.15
N GLN A 410 -29.31 8.15 12.69
CA GLN A 410 -29.40 8.40 14.15
C GLN A 410 -28.07 8.74 14.82
N MET A 411 -27.35 9.65 14.18
CA MET A 411 -26.07 10.15 14.66
C MET A 411 -26.18 11.67 14.93
N SER A 412 -26.65 12.42 13.93
CA SER A 412 -26.65 13.88 13.96
C SER A 412 -27.45 14.54 15.10
N GLU A 413 -28.58 13.93 15.47
CA GLU A 413 -29.42 14.45 16.56
C GLU A 413 -29.05 13.91 17.93
N PHE A 414 -27.84 13.34 18.04
CA PHE A 414 -27.37 12.69 19.25
C PHE A 414 -25.90 12.99 19.58
N SER A 415 -25.48 12.59 20.79
CA SER A 415 -24.09 12.64 21.24
C SER A 415 -23.59 11.20 21.40
N VAL A 416 -23.25 10.56 20.28
CA VAL A 416 -22.94 9.12 20.28
C VAL A 416 -21.49 8.80 20.62
N PHE A 417 -20.62 9.81 20.62
CA PHE A 417 -19.22 9.61 20.88
C PHE A 417 -18.88 10.04 22.29
N LEU A 418 -19.91 10.25 23.12
CA LEU A 418 -19.72 10.79 24.46
C LEU A 418 -18.67 9.99 25.25
N SER A 419 -18.68 8.67 25.08
CA SER A 419 -17.73 7.81 25.77
C SER A 419 -16.33 7.66 25.14
N LEU A 420 -16.13 8.20 23.93
CA LEU A 420 -14.89 7.94 23.18
C LEU A 420 -13.79 8.94 23.52
N ARG A 421 -13.32 8.88 24.76
CA ARG A 421 -12.41 9.93 25.23
C ARG A 421 -10.99 9.73 24.74
N ASN A 422 -10.73 8.60 24.11
CA ASN A 422 -9.40 8.32 23.54
C ASN A 422 -9.36 8.42 22.02
N LEU A 423 -10.50 8.72 21.40
CA LEU A 423 -10.61 8.88 19.95
C LEU A 423 -9.71 10.01 19.47
N ILE A 424 -8.86 9.71 18.50
CA ILE A 424 -7.88 10.67 17.96
C ILE A 424 -8.19 11.05 16.48
N TYR A 425 -8.80 10.11 15.75
CA TYR A 425 -9.17 10.24 14.33
C TYR A 425 -10.60 9.81 14.07
N LEU A 426 -11.39 10.74 13.52
CA LEU A 426 -12.77 10.51 13.14
C LEU A 426 -12.99 11.07 11.75
N ASP A 427 -13.51 10.22 10.86
CA ASP A 427 -13.92 10.65 9.51
C ASP A 427 -15.41 10.29 9.26
N ILE A 428 -16.24 11.32 9.07
CA ILE A 428 -17.66 11.15 8.74
C ILE A 428 -18.03 11.85 7.42
N SER A 429 -17.07 11.91 6.51
CA SER A 429 -17.26 12.58 5.21
C SER A 429 -18.30 11.86 4.36
N HIS A 430 -19.13 12.61 3.64
CA HIS A 430 -20.15 12.03 2.74
C HIS A 430 -20.94 10.91 3.41
N THR A 431 -21.50 11.18 4.57
CA THR A 431 -22.23 10.16 5.31
C THR A 431 -23.72 10.49 5.39
N HIS A 432 -24.19 11.37 4.49
CA HIS A 432 -25.57 11.86 4.51
C HIS A 432 -25.87 12.52 5.86
N THR A 433 -24.87 13.22 6.41
CA THR A 433 -25.02 13.87 7.73
C THR A 433 -25.50 15.31 7.57
N ARG A 434 -26.54 15.66 8.33
CA ARG A 434 -27.12 17.02 8.31
C ARG A 434 -27.08 17.59 9.71
N VAL A 435 -26.14 18.51 9.94
CA VAL A 435 -25.89 19.01 11.29
C VAL A 435 -26.94 20.03 11.74
N ALA A 436 -27.36 19.88 13.00
CA ALA A 436 -28.25 20.80 13.68
C ALA A 436 -27.78 20.88 15.14
N PHE A 437 -27.97 19.78 15.85
CA PHE A 437 -27.66 19.64 17.26
C PHE A 437 -26.18 19.95 17.57
N ASN A 438 -25.94 21.02 18.34
CA ASN A 438 -24.56 21.44 18.66
C ASN A 438 -23.74 20.44 19.46
N GLY A 439 -24.39 19.36 19.93
CA GLY A 439 -23.76 18.37 20.78
C GLY A 439 -23.20 17.17 20.04
N ILE A 440 -23.39 17.15 18.73
CA ILE A 440 -22.93 16.03 17.88
C ILE A 440 -21.55 15.42 18.26
N PHE A 441 -20.58 16.30 18.53
CA PHE A 441 -19.20 15.87 18.86
C PHE A 441 -18.76 15.93 20.33
N ASN A 442 -19.70 16.02 21.27
CA ASN A 442 -19.37 16.05 22.69
C ASN A 442 -18.66 14.79 23.15
N GLY A 443 -17.57 14.99 23.88
CA GLY A 443 -16.82 13.90 24.49
C GLY A 443 -15.48 13.67 23.82
N LEU A 444 -15.28 14.32 22.68
CA LEU A 444 -14.12 14.06 21.85
C LEU A 444 -12.96 15.01 22.19
N SER A 445 -12.63 15.05 23.49
CA SER A 445 -11.64 16.00 24.01
C SER A 445 -10.22 15.70 23.58
N SER A 446 -9.94 14.45 23.19
CA SER A 446 -8.60 14.12 22.69
C SER A 446 -8.53 13.96 21.14
N LEU A 447 -9.57 14.39 20.44
CA LEU A 447 -9.62 14.26 19.01
C LEU A 447 -8.63 15.21 18.34
N GLU A 448 -7.90 14.70 17.35
CA GLU A 448 -7.00 15.53 16.54
C GLU A 448 -7.39 15.63 15.07
N VAL A 449 -7.85 14.53 14.48
CA VAL A 449 -8.27 14.54 13.07
C VAL A 449 -9.79 14.41 12.93
N LEU A 450 -10.40 15.44 12.35
CA LEU A 450 -11.84 15.45 12.12
C LEU A 450 -12.12 15.79 10.68
N LYS A 451 -12.61 14.79 9.95
CA LYS A 451 -12.98 14.95 8.55
C LYS A 451 -14.49 14.90 8.48
N MET A 452 -15.09 15.94 7.91
CA MET A 452 -16.54 15.91 7.73
C MET A 452 -17.01 16.53 6.42
N ALA A 453 -16.17 16.44 5.39
CA ALA A 453 -16.49 16.91 4.05
C ALA A 453 -17.74 16.26 3.42
N GLY A 454 -18.37 16.97 2.49
CA GLY A 454 -19.44 16.41 1.68
C GLY A 454 -20.78 16.24 2.38
N ASN A 455 -20.86 16.74 3.61
CA ASN A 455 -22.11 16.77 4.39
C ASN A 455 -22.87 18.09 4.21
N SER A 456 -23.74 18.47 5.16
CA SER A 456 -24.48 19.75 5.12
C SER A 456 -24.91 20.24 6.51
N PHE A 457 -25.38 21.48 6.59
CA PHE A 457 -25.76 22.11 7.87
C PHE A 457 -27.16 22.72 7.80
N GLN A 458 -27.88 22.66 8.91
CA GLN A 458 -29.20 23.29 8.98
C GLN A 458 -29.01 24.75 8.62
N GLU A 459 -29.71 25.21 7.59
CA GLU A 459 -29.66 26.60 7.12
C GLU A 459 -28.29 27.00 6.57
N ASN A 460 -27.47 25.99 6.25
CA ASN A 460 -26.13 26.19 5.71
C ASN A 460 -25.26 27.04 6.61
N PHE A 461 -25.50 26.94 7.91
CA PHE A 461 -24.82 27.72 8.90
C PHE A 461 -24.00 26.79 9.77
N LEU A 462 -22.75 27.17 10.03
CA LEU A 462 -21.87 26.36 10.88
C LEU A 462 -21.90 26.90 12.31
N PRO A 463 -22.55 26.17 13.25
CA PRO A 463 -22.59 26.62 14.63
C PRO A 463 -21.35 26.22 15.40
N ASP A 464 -21.34 26.51 16.70
CA ASP A 464 -20.20 26.25 17.55
C ASP A 464 -20.20 24.80 18.05
N ILE A 465 -19.82 23.89 17.16
CA ILE A 465 -19.82 22.44 17.40
C ILE A 465 -18.41 21.87 17.66
N PHE A 466 -17.42 22.77 17.73
CA PHE A 466 -16.01 22.44 17.96
C PHE A 466 -15.50 22.97 19.29
N THR A 467 -16.42 23.30 20.19
CA THR A 467 -16.06 23.91 21.48
C THR A 467 -15.06 23.09 22.31
N GLU A 468 -15.39 21.83 22.59
CA GLU A 468 -14.52 20.95 23.41
C GLU A 468 -13.45 20.12 22.67
N LEU A 469 -13.23 20.42 21.39
CA LEU A 469 -12.23 19.71 20.59
C LEU A 469 -10.92 20.49 20.57
N ARG A 470 -10.41 20.78 21.77
CA ARG A 470 -9.18 21.57 21.95
C ARG A 470 -7.92 20.94 21.37
N ASN A 471 -7.88 19.62 21.26
CA ASN A 471 -6.74 18.96 20.62
C ASN A 471 -6.76 18.92 19.08
N LEU A 472 -7.84 19.38 18.47
CA LEU A 472 -7.95 19.41 17.00
C LEU A 472 -6.74 19.98 16.29
N THR A 473 -6.24 19.21 15.33
CA THR A 473 -5.14 19.65 14.46
C THR A 473 -5.55 19.74 13.01
N PHE A 474 -6.53 18.93 12.61
CA PHE A 474 -6.93 18.80 11.21
C PHE A 474 -8.46 18.79 11.13
N LEU A 475 -8.99 19.65 10.26
CA LEU A 475 -10.42 19.81 10.10
C LEU A 475 -10.82 20.08 8.65
N ASP A 476 -11.66 19.21 8.12
CA ASP A 476 -12.13 19.29 6.73
C ASP A 476 -13.65 19.51 6.69
N LEU A 477 -14.01 20.72 6.29
CA LEU A 477 -15.38 21.14 6.07
C LEU A 477 -15.63 21.44 4.60
N SER A 478 -14.83 20.87 3.70
CA SER A 478 -15.07 21.04 2.25
C SER A 478 -16.38 20.39 1.77
N GLN A 479 -16.93 20.95 0.70
CA GLN A 479 -18.16 20.45 0.08
C GLN A 479 -19.38 20.32 1.00
N CYS A 480 -19.53 21.23 1.96
CA CYS A 480 -20.60 21.13 2.96
C CYS A 480 -21.75 22.10 2.73
N GLN A 481 -21.77 22.70 1.53
CA GLN A 481 -22.81 23.64 1.14
C GLN A 481 -22.99 24.80 2.15
N LEU A 482 -21.89 25.27 2.76
CA LEU A 482 -21.96 26.32 3.81
C LEU A 482 -22.20 27.71 3.27
N GLU A 483 -23.06 28.47 3.94
CA GLU A 483 -23.34 29.85 3.51
C GLU A 483 -22.94 30.89 4.53
N GLN A 484 -22.92 30.49 5.80
CA GLN A 484 -22.56 31.37 6.89
C GLN A 484 -21.84 30.62 8.00
N LEU A 485 -20.82 31.26 8.56
CA LEU A 485 -20.07 30.66 9.67
C LEU A 485 -20.45 31.38 10.95
N SER A 486 -20.45 30.69 12.09
CA SER A 486 -20.52 31.38 13.37
C SER A 486 -19.19 32.08 13.62
N PRO A 487 -19.22 33.33 14.14
CA PRO A 487 -18.01 34.07 14.41
C PRO A 487 -17.08 33.45 15.47
N THR A 488 -17.62 32.70 16.41
CA THR A 488 -16.81 32.09 17.47
C THR A 488 -16.53 30.59 17.18
N ALA A 489 -16.76 30.17 15.94
CA ALA A 489 -16.72 28.73 15.59
C ALA A 489 -15.38 28.05 15.83
N PHE A 490 -14.27 28.76 15.59
CA PHE A 490 -12.92 28.18 15.69
C PHE A 490 -12.14 28.69 16.91
N ASN A 491 -12.87 29.32 17.82
CA ASN A 491 -12.27 30.01 18.95
C ASN A 491 -11.37 29.15 19.83
N SER A 492 -11.77 27.89 20.03
CA SER A 492 -11.01 26.93 20.84
C SER A 492 -9.91 26.16 20.08
N LEU A 493 -9.93 26.26 18.74
CA LEU A 493 -9.04 25.45 17.89
C LEU A 493 -7.59 25.98 17.85
N SER A 494 -7.04 26.17 19.05
CA SER A 494 -5.74 26.79 19.24
C SER A 494 -4.57 26.00 18.69
N SER A 495 -4.83 24.72 18.39
CA SER A 495 -3.81 23.80 17.90
C SER A 495 -4.07 23.37 16.45
N LEU A 496 -5.02 24.03 15.80
CA LEU A 496 -5.44 23.67 14.45
C LEU A 496 -4.39 24.11 13.46
N GLN A 497 -3.89 23.17 12.66
CA GLN A 497 -2.84 23.41 11.68
C GLN A 497 -3.43 23.42 10.28
N VAL A 498 -4.50 22.63 10.11
CA VAL A 498 -5.11 22.48 8.80
C VAL A 498 -6.59 22.77 8.89
N LEU A 499 -7.05 23.70 8.07
CA LEU A 499 -8.47 24.04 7.95
C LEU A 499 -8.84 24.07 6.49
N ASN A 500 -9.69 23.12 6.09
CA ASN A 500 -10.14 23.05 4.70
C ASN A 500 -11.62 23.46 4.56
N MET A 501 -11.87 24.57 3.88
CA MET A 501 -13.23 25.04 3.68
C MET A 501 -13.59 25.21 2.19
N ALA A 502 -12.82 24.56 1.34
CA ALA A 502 -12.99 24.67 -0.12
C ALA A 502 -14.31 24.09 -0.59
N SER A 503 -14.76 24.54 -1.76
CA SER A 503 -15.99 24.05 -2.41
C SER A 503 -17.26 24.19 -1.54
N ASN A 504 -17.46 25.37 -0.98
CA ASN A 504 -18.69 25.67 -0.24
C ASN A 504 -19.43 26.78 -1.01
N GLN A 505 -20.36 27.47 -0.36
CA GLN A 505 -21.07 28.59 -0.99
C GLN A 505 -20.86 29.86 -0.19
N LEU A 506 -19.66 29.96 0.37
CA LEU A 506 -19.26 31.09 1.19
C LEU A 506 -19.02 32.35 0.36
N LYS A 507 -19.84 33.36 0.64
CA LYS A 507 -19.69 34.72 0.07
C LYS A 507 -18.82 35.58 0.96
N SER A 508 -18.95 35.40 2.27
CA SER A 508 -18.13 36.10 3.24
C SER A 508 -17.93 35.28 4.51
N VAL A 509 -17.09 35.82 5.39
CA VAL A 509 -16.83 35.23 6.69
C VAL A 509 -16.88 36.37 7.76
N PRO A 510 -17.16 36.01 9.02
CA PRO A 510 -17.14 36.94 10.16
C PRO A 510 -15.76 37.52 10.40
N ASP A 511 -15.69 38.83 10.63
CA ASP A 511 -14.40 39.49 10.88
C ASP A 511 -13.70 38.82 12.03
N GLY A 512 -12.39 38.67 11.90
CA GLY A 512 -11.59 38.02 12.93
C GLY A 512 -11.83 36.54 13.20
N ILE A 513 -12.45 35.84 12.25
CA ILE A 513 -12.80 34.42 12.41
C ILE A 513 -11.58 33.48 12.51
N PHE A 514 -10.41 33.94 12.06
CA PHE A 514 -9.16 33.16 12.17
C PHE A 514 -8.21 33.66 13.27
N ASP A 515 -8.58 34.78 13.90
CA ASP A 515 -7.78 35.40 14.96
C ASP A 515 -7.12 34.41 15.94
N ARG A 516 -7.84 33.34 16.32
CA ARG A 516 -7.32 32.39 17.33
C ARG A 516 -6.66 31.14 16.79
N LEU A 517 -6.63 30.99 15.46
CA LEU A 517 -5.92 29.85 14.85
C LEU A 517 -4.41 30.12 14.77
N THR A 518 -3.83 30.34 15.95
CA THR A 518 -2.40 30.61 16.11
C THR A 518 -1.49 29.47 15.62
N SER A 519 -2.03 28.26 15.54
CA SER A 519 -1.25 27.14 15.02
C SER A 519 -1.44 26.83 13.53
N LEU A 520 -2.30 27.59 12.86
CA LEU A 520 -2.70 27.32 11.47
C LEU A 520 -1.52 27.34 10.50
N GLN A 521 -1.36 26.26 9.76
CA GLN A 521 -0.26 26.16 8.80
C GLN A 521 -0.72 26.13 7.32
N LYS A 522 -1.88 25.52 7.06
CA LYS A 522 -2.43 25.35 5.71
C LYS A 522 -3.92 25.57 5.74
N ILE A 523 -4.42 26.35 4.77
CA ILE A 523 -5.85 26.70 4.67
C ILE A 523 -6.34 26.66 3.22
N TRP A 524 -7.44 25.94 2.98
CA TRP A 524 -8.12 25.91 1.69
C TRP A 524 -9.40 26.73 1.76
N LEU A 525 -9.53 27.69 0.84
CA LEU A 525 -10.71 28.54 0.76
C LEU A 525 -11.22 28.72 -0.67
N HIS A 526 -10.59 28.04 -1.61
CA HIS A 526 -10.93 28.18 -3.03
C HIS A 526 -12.28 27.56 -3.35
N THR A 527 -12.76 27.81 -4.57
CA THR A 527 -14.08 27.36 -5.04
C THR A 527 -15.24 27.83 -4.14
N ASN A 528 -15.14 29.09 -3.69
CA ASN A 528 -16.19 29.78 -2.99
C ASN A 528 -16.46 31.08 -3.67
N PRO A 529 -17.75 31.43 -3.84
CA PRO A 529 -18.13 32.64 -4.57
C PRO A 529 -17.90 33.94 -3.80
N TRP A 530 -16.67 34.19 -3.36
CA TRP A 530 -16.35 35.35 -2.49
C TRP A 530 -16.79 36.68 -3.07
N ASP A 531 -17.19 37.58 -2.18
CA ASP A 531 -17.71 38.90 -2.54
C ASP A 531 -16.70 40.01 -2.14
N CYS A 532 -16.09 40.61 -3.17
CA CYS A 532 -15.01 41.59 -2.99
C CYS A 532 -15.49 43.05 -3.04
N SER A 533 -16.61 43.33 -2.38
CA SER A 533 -17.19 44.67 -2.36
C SER A 533 -17.03 45.34 -0.98
N CYS A 534 -15.89 46.00 -0.79
CA CYS A 534 -15.48 46.59 0.50
C CYS A 534 -16.56 47.39 1.21
N PRO A 535 -16.56 47.40 2.55
CA PRO A 535 -15.63 46.78 3.53
C PRO A 535 -15.78 45.27 3.74
N ARG A 536 -16.76 44.64 3.09
CA ARG A 536 -17.05 43.25 3.37
C ARG A 536 -15.80 42.37 3.32
N ILE A 537 -15.05 42.46 2.22
CA ILE A 537 -13.86 41.64 2.01
C ILE A 537 -12.62 42.10 2.81
N ASP A 538 -12.64 43.30 3.40
CA ASP A 538 -11.40 43.82 3.99
C ASP A 538 -10.69 42.84 4.91
N TYR A 539 -11.40 42.30 5.91
CA TYR A 539 -10.77 41.31 6.78
C TYR A 539 -10.14 40.13 6.02
N LEU A 540 -10.82 39.61 4.99
CA LEU A 540 -10.34 38.40 4.31
C LEU A 540 -9.16 38.64 3.37
N SER A 541 -9.28 39.67 2.56
CA SER A 541 -8.18 40.13 1.70
C SER A 541 -6.95 40.46 2.52
N ARG A 542 -7.14 41.19 3.62
CA ARG A 542 -6.02 41.49 4.52
C ARG A 542 -5.39 40.23 5.13
N TRP A 543 -6.25 39.29 5.53
CA TRP A 543 -5.78 38.08 6.20
C TRP A 543 -5.07 37.15 5.24
N LEU A 544 -5.65 36.95 4.05
CA LEU A 544 -5.04 36.06 3.05
C LEU A 544 -3.75 36.64 2.51
N ASN A 545 -3.67 37.96 2.45
CA ASN A 545 -2.48 38.63 1.97
C ASN A 545 -1.25 38.34 2.85
N LYS A 546 -1.36 38.62 4.14
CA LYS A 546 -0.22 38.50 5.07
C LYS A 546 0.07 37.05 5.47
N ASN A 547 -0.85 36.16 5.10
CA ASN A 547 -0.80 34.74 5.40
C ASN A 547 -0.84 33.92 4.13
N SER A 548 -0.26 34.49 3.07
CA SER A 548 -0.34 33.93 1.73
C SER A 548 0.32 32.56 1.60
N GLN A 549 1.38 32.33 2.36
CA GLN A 549 2.12 31.06 2.33
C GLN A 549 1.24 29.90 2.75
N LYS A 550 0.25 30.19 3.59
CA LYS A 550 -0.66 29.21 4.16
C LYS A 550 -1.75 28.76 3.21
N GLU A 551 -2.17 29.66 2.33
CA GLU A 551 -3.28 29.38 1.41
C GLU A 551 -2.94 28.38 0.31
N GLN A 552 -3.77 27.34 0.20
CA GLN A 552 -3.61 26.27 -0.77
C GLN A 552 -4.63 26.46 -1.88
N GLY A 553 -4.20 26.37 -3.13
CA GLY A 553 -5.06 26.76 -4.27
C GLY A 553 -5.30 28.25 -4.25
N SER A 554 -6.36 28.72 -4.91
CA SER A 554 -6.58 30.18 -4.95
C SER A 554 -8.03 30.64 -4.73
N ALA A 555 -8.26 31.32 -3.61
CA ALA A 555 -9.55 31.97 -3.37
C ALA A 555 -9.69 33.16 -4.32
N LYS A 556 -10.88 33.31 -4.91
CA LYS A 556 -11.10 34.34 -5.91
C LYS A 556 -12.45 34.96 -5.70
N CYS A 557 -12.65 36.13 -6.28
CA CYS A 557 -13.96 36.75 -6.18
C CYS A 557 -14.87 36.46 -7.36
N SER A 558 -16.15 36.26 -7.06
CA SER A 558 -17.19 36.09 -8.07
C SER A 558 -17.13 37.24 -9.09
N GLY A 559 -17.25 36.92 -10.36
CA GLY A 559 -17.22 37.96 -11.38
C GLY A 559 -15.84 38.26 -11.95
N SER A 560 -15.01 38.98 -11.19
CA SER A 560 -13.67 39.35 -11.67
C SER A 560 -12.68 38.18 -11.65
N GLY A 561 -12.82 37.28 -10.68
CA GLY A 561 -11.91 36.15 -10.56
C GLY A 561 -10.54 36.57 -10.07
N LYS A 562 -10.39 37.84 -9.72
CA LYS A 562 -9.16 38.34 -9.12
C LYS A 562 -8.95 37.57 -7.80
N PRO A 563 -7.69 37.19 -7.51
CA PRO A 563 -7.35 36.63 -6.22
C PRO A 563 -7.76 37.52 -5.04
N VAL A 564 -8.42 36.92 -4.05
CA VAL A 564 -8.89 37.64 -2.86
C VAL A 564 -7.70 38.23 -2.08
N ARG A 565 -6.54 37.58 -2.17
CA ARG A 565 -5.29 38.04 -1.53
C ARG A 565 -4.79 39.35 -2.11
N SER A 566 -5.31 39.69 -3.30
CA SER A 566 -4.83 40.82 -4.09
C SER A 566 -5.60 42.10 -3.87
N ILE A 567 -6.71 42.00 -3.13
CA ILE A 567 -7.64 43.11 -2.90
C ILE A 567 -7.15 43.97 -1.73
N ILE A 568 -7.23 45.28 -1.92
CA ILE A 568 -6.91 46.27 -0.90
C ILE A 568 -8.14 47.13 -0.70
N CYS A 569 -8.77 47.02 0.47
CA CYS A 569 -9.95 47.84 0.70
C CYS A 569 -9.54 49.20 1.21
N PRO A 570 -10.27 50.26 0.80
CA PRO A 570 -10.04 51.55 1.44
C PRO A 570 -10.50 51.49 2.90
#